data_4M6B
#
_entry.id   4M6B
#
_cell.length_a   65.667
_cell.length_b   69.917
_cell.length_c   101.724
_cell.angle_alpha   90.00
_cell.angle_beta   90.00
_cell.angle_gamma   90.00
#
_symmetry.space_group_name_H-M   'P 21 21 2'
#
loop_
_entity.id
_entity.type
_entity.pdbx_description
1 polymer 'Chimera protein of Histone H2B.1 and Histone H2A.Z'
2 polymer 'Helicase SWR1'
3 water water
#
loop_
_entity_poly.entity_id
_entity_poly.type
_entity_poly.pdbx_seq_one_letter_code
_entity_poly.pdbx_strand_id
1 'polypeptide(L)'
;MRKETYSSYIYKVLKQTHPDTGISQKSMSILNSFVNDIFERIATEASKLAAYNKKSTISAREIQTAVRLILPGELAKHAV
SEGTRAVTKYSSSTQAQSSSARAGLQFPVGRIKRYLKRHATGRTRVGSKAAIYLTAVLEYLTAEVLELAGNAAKDLKVKR
ITPRHLQLAIRGDDELDSLIRATIASGGVLPHI
;
A,D
2 'polypeptide(L)' GSHMDRESDDKTPSVGLSALFGKGEESDGDLDLDDSEDFTVNSSSVEGEELEKDW C,F
#
# COMPACT_ATOMS: atom_id res chain seq x y z
N LYS A 3 -6.26 -27.46 -12.59
CA LYS A 3 -5.69 -26.11 -12.20
C LYS A 3 -4.27 -25.95 -12.75
N GLU A 4 -4.12 -25.04 -13.69
CA GLU A 4 -2.81 -24.89 -14.33
C GLU A 4 -2.12 -23.57 -14.06
N THR A 5 -0.87 -23.42 -14.50
CA THR A 5 -0.08 -22.20 -14.28
C THR A 5 0.06 -21.32 -15.50
N TYR A 6 -0.40 -20.07 -15.43
CA TYR A 6 -0.29 -19.16 -16.57
C TYR A 6 0.64 -17.99 -16.31
N SER A 7 1.36 -18.05 -15.21
CA SER A 7 2.22 -16.95 -14.80
C SER A 7 3.12 -16.32 -15.82
N SER A 8 3.87 -17.13 -16.55
CA SER A 8 4.76 -16.58 -17.54
C SER A 8 4.06 -15.75 -18.57
N TYR A 9 2.92 -16.25 -19.00
CA TYR A 9 2.14 -15.58 -20.01
C TYR A 9 1.53 -14.33 -19.46
N ILE A 10 1.02 -14.42 -18.24
CA ILE A 10 0.42 -13.24 -17.63
C ILE A 10 1.48 -12.15 -17.56
N TYR A 11 2.69 -12.54 -17.17
CA TYR A 11 3.77 -11.58 -17.06
C TYR A 11 4.07 -10.91 -18.40
N LYS A 12 4.03 -11.69 -19.49
CA LYS A 12 4.29 -11.11 -20.81
C LYS A 12 3.22 -10.09 -21.19
N VAL A 13 1.98 -10.36 -20.83
CA VAL A 13 0.91 -9.43 -21.13
C VAL A 13 1.10 -8.14 -20.31
N LEU A 14 1.53 -8.29 -19.07
CA LEU A 14 1.75 -7.12 -18.25
C LEU A 14 2.80 -6.22 -18.88
N LYS A 15 3.89 -6.82 -19.33
CA LYS A 15 4.94 -6.03 -19.94
C LYS A 15 4.50 -5.33 -21.23
N GLN A 16 3.46 -5.81 -21.91
CA GLN A 16 3.02 -5.13 -23.14
C GLN A 16 2.27 -3.86 -22.78
N THR A 17 1.62 -3.89 -21.63
CA THR A 17 0.84 -2.72 -21.25
C THR A 17 1.43 -1.81 -20.19
N HIS A 18 2.24 -2.34 -19.28
CA HIS A 18 2.91 -1.51 -18.26
C HIS A 18 4.31 -2.08 -18.21
N PRO A 19 5.14 -1.67 -19.15
CA PRO A 19 6.53 -2.10 -19.22
C PRO A 19 7.40 -2.00 -18.03
N ASP A 20 7.28 -0.91 -17.30
CA ASP A 20 8.12 -0.76 -16.13
C ASP A 20 7.46 -1.02 -14.81
N THR A 21 6.30 -1.67 -14.83
CA THR A 21 5.57 -1.97 -13.61
C THR A 21 5.75 -3.41 -13.24
N GLY A 22 6.06 -3.67 -11.98
CA GLY A 22 6.24 -5.04 -11.55
C GLY A 22 4.97 -5.64 -11.00
N ILE A 23 5.05 -6.90 -10.62
CA ILE A 23 3.91 -7.58 -10.05
C ILE A 23 4.40 -8.56 -8.99
N SER A 24 3.68 -8.60 -7.89
CA SER A 24 4.07 -9.46 -6.78
C SER A 24 3.64 -10.90 -6.98
N GLN A 25 4.28 -11.83 -6.27
CA GLN A 25 3.91 -13.24 -6.39
C GLN A 25 2.49 -13.46 -5.92
N LYS A 26 2.09 -12.75 -4.89
CA LYS A 26 0.73 -12.87 -4.38
C LYS A 26 -0.24 -12.40 -5.46
N SER A 27 0.07 -11.30 -6.15
CA SER A 27 -0.83 -10.84 -7.21
C SER A 27 -0.91 -11.88 -8.32
N MET A 28 0.23 -12.48 -8.66
CA MET A 28 0.25 -13.46 -9.73
C MET A 28 -0.58 -14.66 -9.38
N SER A 29 -0.57 -15.04 -8.12
CA SER A 29 -1.35 -16.20 -7.70
C SER A 29 -2.83 -15.96 -7.95
N ILE A 30 -3.28 -14.75 -7.67
CA ILE A 30 -4.68 -14.41 -7.86
C ILE A 30 -5.04 -14.33 -9.34
N LEU A 31 -4.14 -13.80 -10.18
CA LEU A 31 -4.46 -13.74 -11.59
C LEU A 31 -4.52 -15.14 -12.17
N ASN A 32 -3.65 -16.01 -11.70
CA ASN A 32 -3.68 -17.39 -12.17
C ASN A 32 -5.04 -18.00 -11.83
N SER A 33 -5.56 -17.71 -10.65
CA SER A 33 -6.87 -18.19 -10.27
C SER A 33 -7.93 -17.59 -11.18
N PHE A 34 -7.75 -16.33 -11.57
CA PHE A 34 -8.68 -15.68 -12.46
C PHE A 34 -8.73 -16.42 -13.79
N VAL A 35 -7.58 -16.66 -14.40
CA VAL A 35 -7.59 -17.33 -15.70
C VAL A 35 -8.21 -18.71 -15.58
N ASN A 36 -7.78 -19.49 -14.60
CA ASN A 36 -8.36 -20.82 -14.46
C ASN A 36 -9.85 -20.83 -14.25
N ASP A 37 -10.32 -19.97 -13.36
CA ASP A 37 -11.75 -19.95 -13.07
C ASP A 37 -12.59 -19.53 -14.25
N ILE A 38 -12.14 -18.54 -14.99
CA ILE A 38 -12.90 -18.10 -16.14
C ILE A 38 -12.90 -19.18 -17.22
N PHE A 39 -11.74 -19.82 -17.40
CA PHE A 39 -11.60 -20.86 -18.38
C PHE A 39 -12.64 -21.93 -18.10
N GLU A 40 -12.68 -22.38 -16.87
CA GLU A 40 -13.60 -23.43 -16.47
C GLU A 40 -15.04 -23.06 -16.72
N ARG A 41 -15.39 -21.82 -16.43
CA ARG A 41 -16.77 -21.39 -16.67
C ARG A 41 -17.12 -21.37 -18.16
N ILE A 42 -16.21 -20.90 -18.98
CA ILE A 42 -16.49 -20.86 -20.39
C ILE A 42 -16.41 -22.25 -21.01
N ALA A 43 -15.46 -23.08 -20.57
CA ALA A 43 -15.34 -24.40 -21.16
C ALA A 43 -16.55 -25.18 -20.82
N THR A 44 -17.02 -25.04 -19.58
CA THR A 44 -18.19 -25.76 -19.15
C THR A 44 -19.42 -25.35 -19.93
N GLU A 45 -19.62 -24.06 -20.16
CA GLU A 45 -20.79 -23.64 -20.92
C GLU A 45 -20.72 -24.04 -22.38
N ALA A 46 -19.54 -23.93 -22.98
CA ALA A 46 -19.39 -24.24 -24.40
C ALA A 46 -19.68 -25.67 -24.72
N SER A 47 -19.23 -26.53 -23.84
CA SER A 47 -19.46 -27.93 -24.04
C SER A 47 -20.97 -28.22 -23.96
N LYS A 48 -21.65 -27.55 -23.04
CA LYS A 48 -23.09 -27.77 -22.94
C LYS A 48 -23.76 -27.26 -24.18
N LEU A 49 -23.28 -26.13 -24.70
CA LEU A 49 -23.88 -25.55 -25.87
C LEU A 49 -23.71 -26.44 -27.09
N ALA A 50 -22.59 -27.14 -27.17
CA ALA A 50 -22.39 -28.04 -28.28
C ALA A 50 -23.44 -29.14 -28.18
N ALA A 51 -23.68 -29.65 -26.98
CA ALA A 51 -24.65 -30.73 -26.83
C ALA A 51 -26.06 -30.33 -27.20
N TYR A 52 -26.48 -29.15 -26.80
CA TYR A 52 -27.82 -28.71 -27.14
C TYR A 52 -28.02 -28.36 -28.60
N ASN A 53 -26.97 -27.91 -29.27
CA ASN A 53 -27.09 -27.57 -30.68
C ASN A 53 -26.78 -28.79 -31.51
N LYS A 54 -26.59 -29.91 -30.82
CA LYS A 54 -26.33 -31.18 -31.48
C LYS A 54 -25.05 -31.24 -32.29
N LYS A 55 -23.95 -30.73 -31.74
CA LYS A 55 -22.68 -30.74 -32.46
C LYS A 55 -21.73 -31.75 -31.83
N SER A 56 -20.76 -32.22 -32.58
CA SER A 56 -19.84 -33.21 -32.01
C SER A 56 -18.50 -32.57 -31.77
N THR A 57 -18.45 -31.28 -32.04
CA THR A 57 -17.24 -30.53 -31.85
C THR A 57 -17.55 -29.19 -31.25
N ILE A 58 -16.68 -28.81 -30.33
CA ILE A 58 -16.79 -27.51 -29.71
C ILE A 58 -16.00 -26.67 -30.68
N SER A 59 -16.68 -25.77 -31.33
CA SER A 59 -16.05 -24.93 -32.31
C SER A 59 -16.08 -23.52 -31.78
N ALA A 60 -15.52 -22.60 -32.53
CA ALA A 60 -15.49 -21.23 -32.10
C ALA A 60 -16.89 -20.66 -31.94
N ARG A 61 -17.86 -21.19 -32.69
CA ARG A 61 -19.23 -20.69 -32.61
C ARG A 61 -19.75 -20.86 -31.21
N GLU A 62 -19.45 -22.02 -30.63
CA GLU A 62 -19.88 -22.29 -29.28
C GLU A 62 -19.13 -21.46 -28.27
N ILE A 63 -17.84 -21.25 -28.50
CA ILE A 63 -17.06 -20.48 -27.55
C ILE A 63 -17.67 -19.10 -27.57
N GLN A 64 -18.01 -18.63 -28.75
CA GLN A 64 -18.60 -17.31 -28.88
C GLN A 64 -19.91 -17.20 -28.12
N THR A 65 -20.75 -18.22 -28.24
CA THR A 65 -22.03 -18.17 -27.57
C THR A 65 -21.85 -18.15 -26.06
N ALA A 66 -20.93 -18.99 -25.58
CA ALA A 66 -20.65 -19.05 -24.16
C ALA A 66 -20.14 -17.72 -23.66
N VAL A 67 -19.23 -17.13 -24.41
CA VAL A 67 -18.65 -15.88 -23.98
C VAL A 67 -19.75 -14.88 -23.83
N ARG A 68 -20.68 -14.88 -24.77
CA ARG A 68 -21.78 -13.95 -24.69
C ARG A 68 -22.72 -14.19 -23.50
N LEU A 69 -22.93 -15.43 -23.11
CA LEU A 69 -23.77 -15.70 -21.94
C LEU A 69 -23.04 -15.33 -20.64
N ILE A 70 -21.75 -15.67 -20.56
CA ILE A 70 -20.94 -15.40 -19.38
C ILE A 70 -20.43 -13.98 -19.18
N LEU A 71 -20.01 -13.33 -20.26
CA LEU A 71 -19.47 -12.01 -20.12
C LEU A 71 -20.52 -10.93 -20.25
N PRO A 72 -20.44 -9.97 -19.35
CA PRO A 72 -21.35 -8.84 -19.33
C PRO A 72 -21.11 -7.81 -20.40
N GLY A 73 -22.22 -7.30 -20.90
CA GLY A 73 -22.13 -6.09 -21.68
C GLY A 73 -21.02 -5.91 -22.62
N GLU A 74 -20.29 -4.83 -22.40
CA GLU A 74 -19.18 -4.45 -23.26
C GLU A 74 -18.02 -5.42 -23.27
N LEU A 75 -17.80 -6.11 -22.16
CA LEU A 75 -16.71 -7.08 -22.13
C LEU A 75 -17.01 -8.16 -23.13
N ALA A 76 -18.25 -8.59 -23.23
CA ALA A 76 -18.57 -9.65 -24.16
C ALA A 76 -18.28 -9.21 -25.59
N LYS A 77 -18.63 -7.98 -25.94
CA LYS A 77 -18.39 -7.62 -27.32
C LYS A 77 -16.95 -7.42 -27.67
N HIS A 78 -16.16 -6.89 -26.75
CA HIS A 78 -14.76 -6.74 -27.05
C HIS A 78 -14.06 -8.03 -27.09
N ALA A 79 -14.51 -8.97 -26.30
CA ALA A 79 -13.89 -10.26 -26.28
C ALA A 79 -14.20 -11.01 -27.55
N VAL A 80 -15.40 -10.82 -28.05
CA VAL A 80 -15.82 -11.48 -29.25
C VAL A 80 -15.00 -10.92 -30.37
N SER A 81 -14.78 -9.62 -30.32
CA SER A 81 -13.97 -9.01 -31.34
C SER A 81 -12.56 -9.62 -31.31
N GLU A 82 -12.03 -9.82 -30.12
CA GLU A 82 -10.69 -10.39 -29.99
C GLU A 82 -10.58 -11.82 -30.42
N GLY A 83 -11.54 -12.65 -30.04
CA GLY A 83 -11.48 -14.03 -30.44
C GLY A 83 -11.54 -14.17 -31.94
N THR A 84 -12.45 -13.40 -32.54
CA THR A 84 -12.64 -13.43 -33.98
C THR A 84 -11.41 -12.99 -34.72
N ARG A 85 -10.79 -11.92 -34.24
CA ARG A 85 -9.60 -11.40 -34.85
C ARG A 85 -8.45 -12.38 -34.79
N ALA A 86 -8.33 -13.11 -33.69
CA ALA A 86 -7.23 -14.06 -33.53
C ALA A 86 -7.36 -15.21 -34.50
N VAL A 87 -8.58 -15.72 -34.63
CA VAL A 87 -8.82 -16.82 -35.53
C VAL A 87 -8.50 -16.37 -36.95
N THR A 88 -8.95 -15.18 -37.31
CA THR A 88 -8.68 -14.67 -38.63
C THR A 88 -7.18 -14.58 -38.88
N LYS A 89 -6.45 -14.02 -37.93
CA LYS A 89 -5.00 -13.91 -38.10
C LYS A 89 -4.40 -15.27 -38.23
N TYR A 90 -4.85 -16.17 -37.38
CA TYR A 90 -4.31 -17.49 -37.38
C TYR A 90 -4.41 -18.13 -38.73
N SER A 91 -5.51 -17.92 -39.41
CA SER A 91 -5.66 -18.55 -40.70
C SER A 91 -4.97 -17.76 -41.80
N SER A 92 -4.85 -16.46 -41.62
CA SER A 92 -4.22 -15.61 -42.63
C SER A 92 -2.75 -15.77 -42.71
N SER A 93 -2.16 -16.06 -41.58
CA SER A 93 -0.73 -16.17 -41.58
C SER A 93 -0.37 -17.52 -41.07
N THR A 94 0.13 -18.34 -41.99
CA THR A 94 0.48 -19.73 -41.72
C THR A 94 1.94 -20.08 -41.58
N GLN A 95 2.84 -19.14 -41.83
CA GLN A 95 4.26 -19.44 -41.75
C GLN A 95 4.82 -19.68 -40.35
N ALA A 96 4.34 -18.92 -39.37
CA ALA A 96 4.82 -19.03 -38.00
C ALA A 96 4.66 -20.44 -37.45
N GLN A 97 5.67 -20.86 -36.71
CA GLN A 97 5.68 -22.18 -36.10
C GLN A 97 4.71 -22.38 -34.95
N SER A 98 4.49 -21.36 -34.12
CA SER A 98 3.59 -21.52 -32.98
C SER A 98 2.21 -20.95 -33.22
N SER A 99 1.21 -21.74 -32.83
CA SER A 99 -0.16 -21.34 -33.04
C SER A 99 -0.41 -20.05 -32.32
N SER A 100 0.17 -19.91 -31.13
CA SER A 100 0.01 -18.68 -30.39
C SER A 100 0.58 -17.55 -31.24
N ALA A 101 1.74 -17.77 -31.85
CA ALA A 101 2.33 -16.72 -32.68
C ALA A 101 1.50 -16.44 -33.92
N ARG A 102 0.99 -17.47 -34.59
CA ARG A 102 0.19 -17.21 -35.77
C ARG A 102 -1.01 -16.38 -35.41
N ALA A 103 -1.56 -16.66 -34.23
CA ALA A 103 -2.74 -15.95 -33.77
C ALA A 103 -2.44 -14.60 -33.14
N GLY A 104 -1.16 -14.31 -32.90
CA GLY A 104 -0.78 -13.03 -32.32
C GLY A 104 -1.10 -12.94 -30.83
N LEU A 105 -0.94 -14.06 -30.16
CA LEU A 105 -1.26 -14.17 -28.74
C LEU A 105 -0.05 -14.48 -27.91
N GLN A 106 -0.13 -14.12 -26.62
CA GLN A 106 0.94 -14.42 -25.70
C GLN A 106 0.54 -15.69 -24.94
N PHE A 107 -0.75 -15.86 -24.69
CA PHE A 107 -1.19 -17.04 -23.99
C PHE A 107 -0.96 -18.26 -24.88
N PRO A 108 -0.80 -19.43 -24.29
CA PRO A 108 -0.53 -20.68 -25.02
C PRO A 108 -1.69 -21.44 -25.61
N VAL A 109 -1.89 -21.29 -26.91
CA VAL A 109 -2.97 -21.97 -27.58
C VAL A 109 -2.96 -23.50 -27.43
N GLY A 110 -1.78 -24.09 -27.57
CA GLY A 110 -1.68 -25.54 -27.51
C GLY A 110 -2.09 -26.09 -26.17
N ARG A 111 -1.66 -25.45 -25.10
CA ARG A 111 -2.03 -25.93 -23.80
C ARG A 111 -3.48 -25.71 -23.58
N ILE A 112 -3.99 -24.58 -24.04
CA ILE A 112 -5.39 -24.32 -23.84
C ILE A 112 -6.24 -25.33 -24.62
N LYS A 113 -5.75 -25.85 -25.73
CA LYS A 113 -6.53 -26.84 -26.46
C LYS A 113 -6.59 -28.12 -25.63
N ARG A 114 -5.46 -28.50 -25.08
CA ARG A 114 -5.36 -29.67 -24.26
C ARG A 114 -6.31 -29.59 -23.08
N TYR A 115 -6.33 -28.47 -22.39
CA TYR A 115 -7.20 -28.33 -21.22
C TYR A 115 -8.63 -28.36 -21.67
N LEU A 116 -8.87 -27.80 -22.83
CA LEU A 116 -10.22 -27.72 -23.29
C LEU A 116 -10.79 -29.11 -23.46
N LYS A 117 -9.94 -30.08 -23.78
CA LYS A 117 -10.33 -31.46 -23.98
C LYS A 117 -10.92 -32.14 -22.77
N ARG A 118 -10.39 -31.82 -21.60
CA ARG A 118 -10.89 -32.43 -20.39
C ARG A 118 -12.38 -32.13 -20.20
N HIS A 119 -12.78 -30.93 -20.59
CA HIS A 119 -14.17 -30.55 -20.45
C HIS A 119 -15.06 -31.12 -21.53
N ALA A 120 -14.45 -31.74 -22.54
CA ALA A 120 -15.28 -32.34 -23.58
C ALA A 120 -15.48 -33.77 -23.14
N THR A 121 -16.71 -34.01 -22.73
CA THR A 121 -17.19 -35.23 -22.16
C THR A 121 -17.21 -36.54 -22.89
N GLY A 122 -17.86 -36.52 -24.03
CA GLY A 122 -18.10 -37.78 -24.69
C GLY A 122 -17.10 -38.09 -25.72
N ARG A 123 -17.61 -38.34 -26.92
CA ARG A 123 -16.76 -38.54 -28.07
C ARG A 123 -16.52 -37.13 -28.66
N THR A 124 -17.08 -36.10 -28.01
CA THR A 124 -16.97 -34.71 -28.46
C THR A 124 -15.54 -34.23 -28.68
N ARG A 125 -15.37 -33.49 -29.76
CA ARG A 125 -14.07 -33.00 -30.17
C ARG A 125 -13.88 -31.51 -29.96
N VAL A 126 -12.62 -31.11 -29.83
CA VAL A 126 -12.32 -29.70 -29.66
C VAL A 126 -11.65 -29.19 -30.91
N GLY A 127 -12.21 -28.13 -31.47
CA GLY A 127 -11.64 -27.51 -32.65
C GLY A 127 -10.45 -26.63 -32.33
N SER A 128 -9.49 -26.60 -33.25
CA SER A 128 -8.33 -25.76 -33.08
C SER A 128 -8.80 -24.34 -32.97
N LYS A 129 -9.75 -23.95 -33.81
CA LYS A 129 -10.22 -22.59 -33.76
C LYS A 129 -10.91 -22.29 -32.45
N ALA A 130 -11.54 -23.29 -31.84
CA ALA A 130 -12.19 -23.07 -30.58
C ALA A 130 -11.11 -22.68 -29.57
N ALA A 131 -9.98 -23.37 -29.61
CA ALA A 131 -8.94 -23.05 -28.66
C ALA A 131 -8.29 -21.70 -28.89
N ILE A 132 -8.12 -21.32 -30.15
CA ILE A 132 -7.52 -20.04 -30.46
C ILE A 132 -8.45 -18.95 -29.96
N TYR A 133 -9.75 -19.14 -30.17
CA TYR A 133 -10.72 -18.15 -29.78
C TYR A 133 -10.71 -18.02 -28.27
N LEU A 134 -10.72 -19.16 -27.58
CA LEU A 134 -10.72 -19.15 -26.12
C LEU A 134 -9.45 -18.50 -25.56
N THR A 135 -8.31 -18.88 -26.14
CA THR A 135 -7.05 -18.34 -25.71
C THR A 135 -7.07 -16.84 -25.84
N ALA A 136 -7.60 -16.35 -26.96
CA ALA A 136 -7.66 -14.93 -27.14
C ALA A 136 -8.53 -14.25 -26.10
N VAL A 137 -9.64 -14.88 -25.74
CA VAL A 137 -10.54 -14.26 -24.77
C VAL A 137 -9.92 -14.16 -23.39
N LEU A 138 -9.26 -15.22 -22.96
CA LEU A 138 -8.62 -15.21 -21.66
C LEU A 138 -7.50 -14.17 -21.62
N GLU A 139 -6.74 -14.07 -22.70
CA GLU A 139 -5.67 -13.09 -22.74
C GLU A 139 -6.28 -11.70 -22.63
N TYR A 140 -7.36 -11.49 -23.37
CA TYR A 140 -7.99 -10.18 -23.36
C TYR A 140 -8.48 -9.79 -21.97
N LEU A 141 -9.14 -10.71 -21.27
CA LEU A 141 -9.64 -10.37 -19.95
C LEU A 141 -8.50 -10.09 -19.00
N THR A 142 -7.47 -10.91 -19.09
CA THR A 142 -6.31 -10.74 -18.25
C THR A 142 -5.70 -9.40 -18.54
N ALA A 143 -5.63 -9.04 -19.81
CA ALA A 143 -5.05 -7.75 -20.14
C ALA A 143 -5.87 -6.60 -19.57
N GLU A 144 -7.20 -6.71 -19.58
CA GLU A 144 -8.00 -5.63 -19.03
C GLU A 144 -7.73 -5.45 -17.55
N VAL A 145 -7.65 -6.54 -16.81
CA VAL A 145 -7.37 -6.42 -15.39
C VAL A 145 -6.00 -5.81 -15.16
N LEU A 146 -5.01 -6.28 -15.90
CA LEU A 146 -3.67 -5.74 -15.73
C LEU A 146 -3.59 -4.28 -16.08
N GLU A 147 -4.26 -3.85 -17.14
CA GLU A 147 -4.17 -2.44 -17.49
C GLU A 147 -4.72 -1.57 -16.36
N LEU A 148 -5.87 -1.96 -15.85
CA LEU A 148 -6.50 -1.24 -14.76
C LEU A 148 -5.73 -1.31 -13.45
N ALA A 149 -5.15 -2.47 -13.14
CA ALA A 149 -4.36 -2.59 -11.92
C ALA A 149 -3.08 -1.78 -12.03
N GLY A 150 -2.46 -1.80 -13.21
CA GLY A 150 -1.24 -1.05 -13.43
C GLY A 150 -1.53 0.43 -13.29
N ASN A 151 -2.69 0.81 -13.78
CA ASN A 151 -3.11 2.19 -13.71
C ASN A 151 -3.29 2.60 -12.26
N ALA A 152 -3.87 1.72 -11.46
CA ALA A 152 -4.08 2.06 -10.05
C ALA A 152 -2.74 2.26 -9.36
N ALA A 153 -1.78 1.40 -9.65
CA ALA A 153 -0.47 1.55 -9.03
C ALA A 153 0.16 2.86 -9.43
N LYS A 154 0.08 3.22 -10.70
CA LYS A 154 0.68 4.46 -11.14
C LYS A 154 0.03 5.65 -10.47
N ASP A 155 -1.29 5.59 -10.35
CA ASP A 155 -2.03 6.66 -9.70
C ASP A 155 -1.58 6.81 -8.25
N LEU A 156 -1.16 5.70 -7.63
CA LEU A 156 -0.73 5.74 -6.24
C LEU A 156 0.76 5.92 -6.10
N LYS A 157 1.39 6.21 -7.23
CA LYS A 157 2.81 6.47 -7.27
C LYS A 157 3.72 5.33 -6.84
N VAL A 158 3.29 4.08 -7.06
CA VAL A 158 4.11 2.95 -6.70
C VAL A 158 4.48 2.14 -7.94
N LYS A 159 5.46 1.27 -7.80
CA LYS A 159 5.98 0.51 -8.94
C LYS A 159 5.56 -0.90 -9.15
N ARG A 160 4.83 -1.47 -8.21
CA ARG A 160 4.49 -2.86 -8.32
C ARG A 160 3.02 -3.12 -8.03
N ILE A 161 2.44 -4.04 -8.78
CA ILE A 161 1.04 -4.38 -8.59
C ILE A 161 0.86 -5.38 -7.46
N THR A 162 -0.01 -5.01 -6.53
CA THR A 162 -0.32 -5.87 -5.41
C THR A 162 -1.79 -6.25 -5.53
N PRO A 163 -2.23 -7.20 -4.69
CA PRO A 163 -3.61 -7.67 -4.67
C PRO A 163 -4.54 -6.50 -4.40
N ARG A 164 -4.06 -5.48 -3.71
CA ARG A 164 -4.90 -4.32 -3.45
C ARG A 164 -5.21 -3.62 -4.76
N HIS A 165 -4.22 -3.55 -5.65
CA HIS A 165 -4.40 -2.92 -6.94
C HIS A 165 -5.36 -3.74 -7.78
N LEU A 166 -5.28 -5.07 -7.65
CA LEU A 166 -6.20 -5.93 -8.38
C LEU A 166 -7.61 -5.68 -7.87
N GLN A 167 -7.73 -5.46 -6.57
CA GLN A 167 -9.02 -5.23 -5.94
C GLN A 167 -9.61 -3.93 -6.42
N LEU A 168 -8.79 -2.90 -6.45
CA LEU A 168 -9.26 -1.60 -6.89
C LEU A 168 -9.66 -1.64 -8.35
N ALA A 169 -8.90 -2.38 -9.16
CA ALA A 169 -9.23 -2.45 -10.57
C ALA A 169 -10.55 -3.17 -10.81
N ILE A 170 -10.70 -4.35 -10.22
CA ILE A 170 -11.89 -5.15 -10.40
C ILE A 170 -13.15 -4.55 -9.77
N ARG A 171 -13.04 -4.18 -8.51
CA ARG A 171 -14.19 -3.64 -7.82
C ARG A 171 -14.58 -2.26 -8.28
N GLY A 172 -13.65 -1.56 -8.91
CA GLY A 172 -13.97 -0.25 -9.40
C GLY A 172 -14.50 -0.27 -10.81
N ASP A 173 -14.69 -1.46 -11.40
CA ASP A 173 -15.19 -1.55 -12.78
C ASP A 173 -16.45 -2.40 -12.73
N ASP A 174 -17.58 -1.81 -13.09
CA ASP A 174 -18.85 -2.52 -12.92
C ASP A 174 -18.91 -3.89 -13.58
N GLU A 175 -18.46 -3.99 -14.81
CA GLU A 175 -18.51 -5.27 -15.52
C GLU A 175 -17.55 -6.33 -14.99
N LEU A 176 -16.31 -5.94 -14.72
CA LEU A 176 -15.38 -6.92 -14.18
C LEU A 176 -15.86 -7.36 -12.83
N ASP A 177 -16.41 -6.44 -12.05
CA ASP A 177 -16.89 -6.77 -10.72
C ASP A 177 -18.01 -7.78 -10.88
N SER A 178 -18.93 -7.51 -11.80
CA SER A 178 -20.04 -8.41 -12.00
C SER A 178 -19.57 -9.78 -12.42
N LEU A 179 -18.63 -9.81 -13.35
CA LEU A 179 -18.09 -11.06 -13.85
C LEU A 179 -17.42 -11.85 -12.77
N ILE A 180 -16.63 -11.19 -11.93
CA ILE A 180 -15.92 -11.93 -10.90
C ILE A 180 -16.85 -12.44 -9.81
N ARG A 181 -17.81 -11.65 -9.39
CA ARG A 181 -18.75 -12.08 -8.36
C ARG A 181 -19.52 -13.30 -8.84
N ALA A 182 -19.95 -13.27 -10.10
CA ALA A 182 -20.72 -14.35 -10.72
C ALA A 182 -19.88 -15.57 -10.84
N THR A 183 -18.61 -15.37 -11.14
CA THR A 183 -17.72 -16.47 -11.31
C THR A 183 -17.48 -17.12 -9.97
N ILE A 184 -17.34 -16.33 -8.93
CA ILE A 184 -17.14 -16.88 -7.60
C ILE A 184 -18.35 -17.74 -7.21
N ALA A 185 -19.53 -17.22 -7.48
CA ALA A 185 -20.76 -17.93 -7.15
C ALA A 185 -20.80 -19.30 -7.83
N SER A 186 -20.17 -19.37 -8.99
CA SER A 186 -20.07 -20.59 -9.79
C SER A 186 -19.33 -21.72 -9.13
N GLY A 187 -18.30 -21.40 -8.32
CA GLY A 187 -17.55 -22.47 -7.69
C GLY A 187 -18.31 -23.22 -6.61
N SER B 14 -4.32 -22.23 -2.45
CA SER B 14 -3.82 -20.97 -3.06
C SER B 14 -4.76 -19.84 -2.77
N VAL B 15 -4.40 -18.67 -3.25
CA VAL B 15 -5.24 -17.51 -3.06
C VAL B 15 -6.03 -17.29 -4.33
N GLY B 16 -7.35 -17.29 -4.14
CA GLY B 16 -8.30 -17.19 -5.24
C GLY B 16 -8.95 -15.87 -5.35
N LEU B 17 -9.98 -15.78 -6.18
CA LEU B 17 -10.69 -14.54 -6.38
C LEU B 17 -11.44 -14.10 -5.17
N SER B 18 -11.91 -15.02 -4.34
CA SER B 18 -12.67 -14.54 -3.21
C SER B 18 -11.87 -13.61 -2.33
N ALA B 19 -10.54 -13.71 -2.37
CA ALA B 19 -9.70 -12.85 -1.55
C ALA B 19 -10.01 -11.38 -1.74
N LEU B 20 -10.39 -11.02 -2.96
CA LEU B 20 -10.65 -9.64 -3.29
C LEU B 20 -11.91 -9.11 -2.67
N PHE B 21 -12.69 -9.99 -2.06
CA PHE B 21 -13.93 -9.57 -1.43
C PHE B 21 -13.94 -9.86 0.05
N ASP B 30 -7.31 -6.22 3.95
CA ASP B 30 -5.91 -5.87 4.16
C ASP B 30 -5.03 -6.42 3.07
N LEU B 31 -5.48 -6.25 1.84
CA LEU B 31 -4.76 -6.74 0.69
C LEU B 31 -3.50 -5.98 0.41
N ASP B 32 -3.36 -4.80 0.99
CA ASP B 32 -2.15 -4.02 0.76
C ASP B 32 -1.00 -4.51 1.57
N LEU B 33 -1.28 -5.40 2.51
CA LEU B 33 -0.22 -5.94 3.31
C LEU B 33 0.46 -7.06 2.54
N ASP B 34 0.97 -6.73 1.36
CA ASP B 34 1.62 -7.71 0.53
C ASP B 34 3.12 -7.64 0.65
N ASP B 35 3.70 -8.58 1.36
CA ASP B 35 5.13 -8.60 1.54
C ASP B 35 5.74 -9.69 0.69
N SER B 36 4.99 -10.20 -0.28
CA SER B 36 5.51 -11.27 -1.10
C SER B 36 6.60 -10.71 -1.99
N GLU B 37 7.48 -11.58 -2.49
CA GLU B 37 8.55 -11.12 -3.36
C GLU B 37 8.03 -10.87 -4.76
N ASP B 38 8.80 -10.16 -5.54
CA ASP B 38 8.40 -9.89 -6.90
C ASP B 38 8.29 -11.18 -7.71
N PHE B 39 7.43 -11.15 -8.71
CA PHE B 39 7.37 -12.27 -9.62
C PHE B 39 8.42 -11.89 -10.67
N THR B 40 9.32 -12.82 -10.96
CA THR B 40 10.33 -12.55 -11.96
C THR B 40 10.53 -13.78 -12.81
N VAL B 41 11.07 -13.55 -14.01
CA VAL B 41 11.36 -14.68 -14.86
C VAL B 41 12.83 -14.70 -15.13
N ASN B 42 13.35 -15.84 -15.57
CA ASN B 42 14.76 -15.95 -15.85
C ASN B 42 15.16 -15.01 -16.94
N SER B 43 16.30 -14.38 -16.71
CA SER B 43 16.91 -13.54 -17.72
C SER B 43 17.75 -14.49 -18.62
N SER B 44 18.10 -15.66 -18.09
CA SER B 44 18.90 -16.67 -18.81
C SER B 44 18.12 -17.97 -19.06
N ARG C 2 -2.43 27.96 17.69
CA ARG C 2 -1.99 27.03 18.74
C ARG C 2 -0.90 26.20 18.06
N LYS C 3 -1.23 25.71 16.86
CA LYS C 3 -0.42 24.83 16.03
C LYS C 3 0.80 25.37 15.34
N GLU C 4 1.93 24.69 15.50
CA GLU C 4 3.17 25.12 14.86
C GLU C 4 3.64 24.16 13.79
N THR C 5 4.67 24.53 13.03
CA THR C 5 5.14 23.65 11.97
C THR C 5 6.48 23.05 12.29
N TYR C 6 6.51 21.72 12.36
CA TYR C 6 7.72 20.97 12.67
C TYR C 6 8.22 20.15 11.47
N SER C 7 7.57 20.31 10.32
CA SER C 7 7.90 19.51 9.15
C SER C 7 9.34 19.37 8.73
N SER C 8 10.05 20.47 8.70
CA SER C 8 11.42 20.37 8.27
C SER C 8 12.27 19.57 9.25
N TYR C 9 11.92 19.62 10.54
CA TYR C 9 12.69 18.87 11.52
C TYR C 9 12.31 17.38 11.48
N ILE C 10 11.03 17.11 11.30
CA ILE C 10 10.56 15.73 11.20
C ILE C 10 11.26 15.09 10.02
N TYR C 11 11.42 15.86 8.95
CA TYR C 11 12.10 15.36 7.77
C TYR C 11 13.57 15.04 8.06
N LYS C 12 14.26 15.90 8.82
CA LYS C 12 15.66 15.64 9.15
C LYS C 12 15.77 14.36 9.93
N VAL C 13 14.83 14.12 10.84
CA VAL C 13 14.83 12.90 11.62
C VAL C 13 14.62 11.68 10.73
N LEU C 14 13.74 11.79 9.75
CA LEU C 14 13.52 10.66 8.85
C LEU C 14 14.81 10.32 8.14
N LYS C 15 15.47 11.33 7.60
CA LYS C 15 16.70 11.09 6.87
C LYS C 15 17.78 10.45 7.73
N GLN C 16 17.74 10.69 9.03
CA GLN C 16 18.73 10.06 9.90
C GLN C 16 18.44 8.58 10.00
N THR C 17 17.16 8.28 9.99
CA THR C 17 16.63 6.94 10.18
C THR C 17 16.54 6.07 8.92
N HIS C 18 15.92 6.62 7.88
CA HIS C 18 15.71 5.92 6.63
C HIS C 18 16.14 6.90 5.56
N PRO C 19 17.47 7.01 5.32
CA PRO C 19 17.85 8.00 4.30
C PRO C 19 17.32 7.88 2.90
N ASP C 20 16.95 6.69 2.49
CA ASP C 20 16.48 6.51 1.14
C ASP C 20 14.98 6.36 1.05
N THR C 21 14.31 6.73 2.12
CA THR C 21 12.87 6.59 2.17
C THR C 21 12.16 7.93 2.12
N GLY C 22 11.12 8.01 1.29
CA GLY C 22 10.38 9.25 1.15
C GLY C 22 9.18 9.36 2.07
N ILE C 23 8.50 10.49 2.00
CA ILE C 23 7.31 10.66 2.82
C ILE C 23 6.35 11.60 2.14
N SER C 24 5.07 11.27 2.20
CA SER C 24 4.08 12.09 1.53
C SER C 24 3.67 13.30 2.33
N GLN C 25 3.11 14.28 1.62
CA GLN C 25 2.65 15.48 2.30
C GLN C 25 1.54 15.12 3.27
N LYS C 26 0.71 14.13 2.93
CA LYS C 26 -0.36 13.76 3.84
C LYS C 26 0.23 13.13 5.11
N SER C 27 1.26 12.31 4.94
CA SER C 27 1.92 11.68 6.08
C SER C 27 2.53 12.75 6.96
N MET C 28 3.17 13.73 6.33
CA MET C 28 3.82 14.77 7.10
C MET C 28 2.81 15.59 7.90
N SER C 29 1.64 15.80 7.32
CA SER C 29 0.63 16.56 8.01
C SER C 29 0.24 15.85 9.28
N ILE C 30 0.10 14.54 9.17
CA ILE C 30 -0.27 13.76 10.32
C ILE C 30 0.83 13.81 11.37
N LEU C 31 2.09 13.70 10.96
CA LEU C 31 3.18 13.76 11.93
C LEU C 31 3.27 15.11 12.61
N ASN C 32 3.01 16.16 11.86
CA ASN C 32 3.04 17.47 12.43
C ASN C 32 1.94 17.56 13.51
N SER C 33 0.78 16.98 13.22
CA SER C 33 -0.29 16.95 14.22
C SER C 33 0.19 16.18 15.45
N PHE C 34 0.90 15.09 15.23
CA PHE C 34 1.41 14.27 16.32
C PHE C 34 2.28 15.06 17.24
N VAL C 35 3.26 15.76 16.69
CA VAL C 35 4.16 16.51 17.54
C VAL C 35 3.41 17.59 18.26
N ASN C 36 2.50 18.32 17.60
CA ASN C 36 1.77 19.36 18.30
C ASN C 36 0.91 18.83 19.43
N ASP C 37 0.22 17.74 19.14
CA ASP C 37 -0.65 17.16 20.14
C ASP C 37 0.09 16.65 21.36
N ILE C 38 1.23 16.01 21.14
CA ILE C 38 2.00 15.48 22.25
C ILE C 38 2.61 16.63 23.07
N PHE C 39 3.14 17.62 22.37
CA PHE C 39 3.73 18.76 23.04
C PHE C 39 2.68 19.37 23.93
N GLU C 40 1.51 19.56 23.36
CA GLU C 40 0.47 20.18 24.12
C GLU C 40 0.08 19.40 25.37
N ARG C 41 0.02 18.08 25.24
CA ARG C 41 -0.34 17.26 26.38
C ARG C 41 0.73 17.35 27.48
N ILE C 42 1.99 17.22 27.10
CA ILE C 42 3.07 17.27 28.08
C ILE C 42 3.19 18.65 28.71
N ALA C 43 3.14 19.70 27.89
CA ALA C 43 3.26 21.05 28.40
C ALA C 43 2.12 21.39 29.35
N THR C 44 0.92 20.97 29.00
CA THR C 44 -0.22 21.24 29.85
C THR C 44 -0.06 20.56 31.20
N GLU C 45 0.34 19.30 31.19
CA GLU C 45 0.54 18.58 32.43
C GLU C 45 1.69 19.20 33.23
N ALA C 46 2.83 19.51 32.60
CA ALA C 46 3.94 20.09 33.35
C ALA C 46 3.58 21.45 33.94
N SER C 47 2.83 22.23 33.20
CA SER C 47 2.45 23.54 33.69
C SER C 47 1.53 23.41 34.90
N LYS C 48 0.66 22.41 34.85
CA LYS C 48 -0.29 22.12 35.92
C LYS C 48 0.50 21.68 37.15
N LEU C 49 1.47 20.80 36.97
CA LEU C 49 2.27 20.33 38.09
C LEU C 49 3.02 21.49 38.76
N ALA C 50 3.54 22.42 37.97
CA ALA C 50 4.24 23.56 38.54
C ALA C 50 3.24 24.51 39.19
N ALA C 51 2.17 24.82 38.47
CA ALA C 51 1.19 25.77 38.96
C ALA C 51 0.55 25.27 40.21
N TYR C 52 0.20 23.99 40.19
CA TYR C 52 -0.48 23.39 41.30
C TYR C 52 0.35 23.44 42.58
N ASN C 53 1.65 23.38 42.40
CA ASN C 53 2.56 23.24 43.51
C ASN C 53 3.44 24.35 43.93
N LYS C 54 2.94 25.54 43.68
CA LYS C 54 3.67 26.67 44.12
C LYS C 54 5.06 26.75 43.55
N LYS C 55 5.28 26.31 42.31
CA LYS C 55 6.60 26.52 41.78
C LYS C 55 6.56 27.72 40.87
N SER C 56 7.67 28.42 40.91
CA SER C 56 7.87 29.61 40.14
C SER C 56 8.39 29.27 38.78
N THR C 57 8.77 28.02 38.53
CA THR C 57 9.26 27.70 37.21
C THR C 57 8.81 26.33 36.76
N ILE C 58 8.87 26.15 35.45
CA ILE C 58 8.57 24.86 34.87
C ILE C 58 9.96 24.34 34.57
N SER C 59 10.40 23.35 35.34
CA SER C 59 11.73 22.79 35.19
C SER C 59 11.77 21.45 34.51
N ALA C 60 12.99 20.94 34.31
CA ALA C 60 13.16 19.66 33.67
C ALA C 60 12.49 18.60 34.52
N ARG C 61 12.48 18.77 35.83
CA ARG C 61 11.81 17.81 36.71
C ARG C 61 10.34 17.72 36.43
N GLU C 62 9.67 18.84 36.22
CA GLU C 62 8.25 18.79 35.90
C GLU C 62 8.04 18.15 34.54
N ILE C 63 8.92 18.39 33.57
CA ILE C 63 8.71 17.77 32.28
C ILE C 63 8.85 16.26 32.44
N GLN C 64 9.89 15.86 33.18
CA GLN C 64 10.13 14.44 33.39
C GLN C 64 8.95 13.77 34.08
N THR C 65 8.40 14.41 35.09
CA THR C 65 7.25 13.84 35.79
C THR C 65 6.06 13.68 34.84
N ALA C 66 5.80 14.69 34.04
CA ALA C 66 4.70 14.62 33.10
C ALA C 66 4.91 13.54 32.06
N VAL C 67 6.16 13.37 31.66
CA VAL C 67 6.52 12.38 30.66
C VAL C 67 6.23 10.99 31.22
N ARG C 68 6.61 10.78 32.47
CA ARG C 68 6.33 9.48 33.05
C ARG C 68 4.85 9.25 33.25
N LEU C 69 4.08 10.30 33.44
CA LEU C 69 2.64 10.12 33.57
C LEU C 69 1.98 9.79 32.26
N ILE C 70 2.44 10.41 31.19
CA ILE C 70 1.82 10.31 29.88
C ILE C 70 2.31 9.22 28.97
N LEU C 71 3.62 8.98 28.94
CA LEU C 71 4.18 7.95 28.08
C LEU C 71 4.08 6.59 28.76
N PRO C 72 3.54 5.60 28.05
CA PRO C 72 3.39 4.26 28.58
C PRO C 72 4.61 3.41 28.48
N GLY C 73 4.76 2.57 29.49
CA GLY C 73 5.82 1.58 29.50
C GLY C 73 7.22 1.95 29.12
N GLU C 74 7.81 1.17 28.23
CA GLU C 74 9.19 1.43 27.86
C GLU C 74 9.36 2.75 27.15
N LEU C 75 8.30 3.30 26.57
CA LEU C 75 8.46 4.59 25.89
C LEU C 75 8.88 5.61 26.93
N ALA C 76 8.28 5.54 28.11
CA ALA C 76 8.65 6.49 29.15
C ALA C 76 10.12 6.33 29.55
N LYS C 77 10.54 5.08 29.75
CA LYS C 77 11.91 4.83 30.15
C LYS C 77 12.92 5.35 29.15
N HIS C 78 12.70 5.05 27.88
CA HIS C 78 13.62 5.50 26.87
C HIS C 78 13.54 6.99 26.66
N ALA C 79 12.36 7.57 26.82
CA ALA C 79 12.22 9.01 26.67
C ALA C 79 12.96 9.75 27.77
N VAL C 80 12.86 9.24 28.99
CA VAL C 80 13.57 9.84 30.12
C VAL C 80 15.08 9.73 29.89
N SER C 81 15.55 8.59 29.36
CA SER C 81 16.99 8.48 29.09
C SER C 81 17.38 9.49 28.06
N GLU C 82 16.57 9.66 27.02
CA GLU C 82 16.92 10.60 25.97
C GLU C 82 16.88 12.04 26.45
N GLY C 83 15.89 12.41 27.24
CA GLY C 83 15.83 13.77 27.77
C GLY C 83 17.04 14.01 28.65
N THR C 84 17.38 13.03 29.47
CA THR C 84 18.53 13.15 30.36
C THR C 84 19.81 13.26 29.57
N ARG C 85 19.94 12.46 28.52
CA ARG C 85 21.14 12.51 27.70
C ARG C 85 21.26 13.86 27.07
N ALA C 86 20.16 14.41 26.56
CA ALA C 86 20.25 15.70 25.89
C ALA C 86 20.64 16.82 26.85
N VAL C 87 20.10 16.82 28.06
CA VAL C 87 20.47 17.86 29.01
C VAL C 87 21.92 17.73 29.41
N THR C 88 22.38 16.52 29.61
CA THR C 88 23.76 16.28 30.00
C THR C 88 24.73 16.70 28.90
N LYS C 89 24.40 16.39 27.66
CA LYS C 89 25.25 16.75 26.54
C LYS C 89 25.29 18.26 26.36
N TYR C 90 24.16 18.90 26.54
CA TYR C 90 24.09 20.34 26.42
C TYR C 90 25.07 20.94 27.37
N SER C 91 25.11 20.45 28.60
CA SER C 91 26.01 20.98 29.59
C SER C 91 27.47 20.88 29.27
N SER C 92 27.88 19.78 28.65
CA SER C 92 29.30 19.63 28.39
C SER C 92 29.74 20.15 27.04
N SER C 93 28.79 20.45 26.17
CA SER C 93 29.13 20.92 24.84
C SER C 93 29.68 22.33 24.82
N THR C 94 30.38 22.69 23.75
CA THR C 94 30.91 24.04 23.64
C THR C 94 29.73 24.98 23.50
N GLN C 95 29.87 26.17 24.07
CA GLN C 95 28.77 27.13 24.13
C GLN C 95 28.40 27.97 22.93
N ALA C 96 29.33 28.15 22.00
CA ALA C 96 29.03 28.97 20.85
C ALA C 96 28.31 28.24 19.72
N GLN C 97 27.17 27.66 20.00
CA GLN C 97 26.38 27.04 18.96
C GLN C 97 24.97 27.03 19.49
N SER C 98 24.02 26.59 18.68
CA SER C 98 22.63 26.60 19.08
C SER C 98 22.33 25.62 20.19
N SER C 99 21.24 25.87 20.90
CA SER C 99 20.81 24.97 21.94
C SER C 99 20.61 23.57 21.34
N SER C 100 19.98 23.49 20.17
CA SER C 100 19.77 22.16 19.55
C SER C 100 21.08 21.47 19.29
N ALA C 101 22.03 22.20 18.73
CA ALA C 101 23.33 21.61 18.42
C ALA C 101 24.06 21.13 19.67
N ARG C 102 24.03 21.95 20.71
CA ARG C 102 24.69 21.58 21.94
C ARG C 102 24.07 20.35 22.52
N ALA C 103 22.77 20.19 22.36
CA ALA C 103 22.06 19.02 22.92
C ALA C 103 22.06 17.81 22.00
N GLY C 104 22.60 17.96 20.80
CA GLY C 104 22.61 16.87 19.81
C GLY C 104 21.24 16.56 19.27
N LEU C 105 20.38 17.57 19.17
CA LEU C 105 19.02 17.38 18.68
C LEU C 105 18.75 18.00 17.34
N GLN C 106 17.83 17.40 16.59
CA GLN C 106 17.39 17.98 15.32
C GLN C 106 16.21 18.90 15.57
N PHE C 107 15.33 18.55 16.53
CA PHE C 107 14.20 19.44 16.81
C PHE C 107 14.72 20.74 17.37
N PRO C 108 13.99 21.81 17.20
CA PRO C 108 14.34 23.16 17.66
C PRO C 108 14.15 23.54 19.08
N VAL C 109 15.18 23.49 19.90
CA VAL C 109 15.02 23.81 21.31
C VAL C 109 14.56 25.20 21.57
N GLY C 110 15.10 26.18 20.87
CA GLY C 110 14.71 27.55 21.09
C GLY C 110 13.24 27.80 20.82
N ARG C 111 12.73 27.27 19.73
CA ARG C 111 11.33 27.47 19.39
C ARG C 111 10.46 26.79 20.42
N ILE C 112 10.83 25.56 20.77
CA ILE C 112 10.06 24.81 21.73
C ILE C 112 10.06 25.51 23.08
N LYS C 113 11.16 26.18 23.42
CA LYS C 113 11.19 26.90 24.67
C LYS C 113 10.15 28.03 24.63
N ARG C 114 10.09 28.71 23.50
CA ARG C 114 9.14 29.80 23.35
C ARG C 114 7.70 29.30 23.43
N TYR C 115 7.44 28.17 22.77
CA TYR C 115 6.09 27.64 22.78
C TYR C 115 5.71 27.22 24.17
N LEU C 116 6.68 26.65 24.89
CA LEU C 116 6.42 26.20 26.23
C LEU C 116 6.12 27.38 27.15
N LYS C 117 6.72 28.54 26.89
CA LYS C 117 6.43 29.69 27.72
C LYS C 117 4.98 30.13 27.62
N ARG C 118 4.33 29.75 26.53
CA ARG C 118 2.92 30.11 26.35
C ARG C 118 2.05 29.47 27.43
N HIS C 119 2.49 28.32 27.92
CA HIS C 119 1.75 27.60 28.96
C HIS C 119 2.07 28.09 30.34
N ALA C 120 3.04 28.98 30.48
CA ALA C 120 3.45 29.47 31.80
C ALA C 120 2.38 30.40 32.36
N THR C 121 2.00 30.11 33.59
CA THR C 121 0.90 30.77 34.24
C THR C 121 0.87 32.26 34.51
N GLY C 122 1.96 32.78 35.07
CA GLY C 122 1.96 34.19 35.50
C GLY C 122 3.36 34.72 35.75
N ARG C 123 3.87 34.59 36.97
CA ARG C 123 5.24 34.97 37.27
C ARG C 123 6.12 33.77 36.84
N THR C 124 5.48 32.69 36.42
CA THR C 124 6.20 31.46 36.10
C THR C 124 7.22 31.57 34.97
N ARG C 125 8.44 31.10 35.22
CA ARG C 125 9.50 31.15 34.21
C ARG C 125 9.78 29.75 33.69
N VAL C 126 10.39 29.66 32.52
CA VAL C 126 10.70 28.38 31.92
C VAL C 126 12.20 28.23 31.72
N GLY C 127 12.84 27.24 32.33
CA GLY C 127 14.28 27.07 32.14
C GLY C 127 14.66 26.38 30.84
N SER C 128 15.87 26.63 30.35
CA SER C 128 16.37 26.01 29.12
C SER C 128 16.38 24.50 29.18
N LYS C 129 16.79 23.98 30.33
CA LYS C 129 16.85 22.54 30.48
C LYS C 129 15.50 21.90 30.31
N ALA C 130 14.44 22.59 30.75
CA ALA C 130 13.10 22.05 30.55
C ALA C 130 12.82 21.94 29.06
N ALA C 131 13.16 22.98 28.32
CA ALA C 131 12.93 22.99 26.89
C ALA C 131 13.75 21.93 26.17
N ILE C 132 14.99 21.76 26.62
CA ILE C 132 15.88 20.77 26.02
C ILE C 132 15.34 19.36 26.23
N TYR C 133 14.95 19.07 27.47
CA TYR C 133 14.39 17.76 27.82
C TYR C 133 13.14 17.50 26.98
N LEU C 134 12.23 18.45 26.96
CA LEU C 134 10.99 18.27 26.20
C LEU C 134 11.28 18.07 24.72
N THR C 135 12.19 18.87 24.17
CA THR C 135 12.52 18.74 22.77
C THR C 135 13.04 17.34 22.48
N ALA C 136 13.89 16.83 23.37
CA ALA C 136 14.45 15.50 23.19
C ALA C 136 13.37 14.43 23.19
N VAL C 137 12.38 14.59 24.05
CA VAL C 137 11.30 13.61 24.15
C VAL C 137 10.47 13.60 22.89
N LEU C 138 10.15 14.79 22.38
CA LEU C 138 9.37 14.90 21.17
C LEU C 138 10.12 14.28 20.00
N GLU C 139 11.43 14.50 19.95
CA GLU C 139 12.24 13.97 18.86
C GLU C 139 12.30 12.44 18.94
N TYR C 140 12.44 11.94 20.17
CA TYR C 140 12.51 10.52 20.41
C TYR C 140 11.23 9.84 19.90
N LEU C 141 10.08 10.38 20.26
CA LEU C 141 8.83 9.79 19.83
C LEU C 141 8.65 9.83 18.33
N THR C 142 9.02 10.95 17.76
CA THR C 142 8.91 11.12 16.34
C THR C 142 9.82 10.12 15.63
N ALA C 143 11.02 9.93 16.15
CA ALA C 143 11.96 9.00 15.52
C ALA C 143 11.44 7.57 15.63
N GLU C 144 10.81 7.27 16.75
CA GLU C 144 10.29 5.94 16.92
C GLU C 144 9.19 5.63 15.88
N VAL C 145 8.26 6.56 15.71
CA VAL C 145 7.19 6.35 14.74
C VAL C 145 7.78 6.27 13.32
N LEU C 146 8.72 7.14 13.01
CA LEU C 146 9.33 7.11 11.69
C LEU C 146 10.08 5.82 11.43
N GLU C 147 10.78 5.33 12.43
CA GLU C 147 11.51 4.09 12.27
C GLU C 147 10.56 2.96 11.93
N LEU C 148 9.49 2.84 12.69
CA LEU C 148 8.50 1.79 12.46
C LEU C 148 7.78 1.96 11.13
N ALA C 149 7.41 3.19 10.81
CA ALA C 149 6.72 3.43 9.56
C ALA C 149 7.63 3.14 8.37
N GLY C 150 8.89 3.56 8.45
CA GLY C 150 9.83 3.31 7.36
C GLY C 150 10.06 1.81 7.18
N ASN C 151 10.11 1.07 8.28
CA ASN C 151 10.30 -0.37 8.19
C ASN C 151 9.08 -1.06 7.60
N ALA C 152 7.90 -0.48 7.83
CA ALA C 152 6.69 -1.04 7.27
C ALA C 152 6.73 -0.83 5.77
N ALA C 153 7.13 0.36 5.35
CA ALA C 153 7.23 0.60 3.91
C ALA C 153 8.22 -0.36 3.32
N LYS C 154 9.34 -0.58 3.99
CA LYS C 154 10.34 -1.49 3.46
C LYS C 154 9.84 -2.90 3.36
N ASP C 155 9.13 -3.36 4.38
CA ASP C 155 8.59 -4.70 4.38
C ASP C 155 7.67 -4.86 3.21
N LEU C 156 6.96 -3.78 2.89
CA LEU C 156 5.99 -3.81 1.79
C LEU C 156 6.59 -3.44 0.45
N LYS C 157 7.91 -3.29 0.44
CA LYS C 157 8.65 -3.01 -0.77
C LYS C 157 8.29 -1.74 -1.50
N VAL C 158 7.90 -0.71 -0.75
CA VAL C 158 7.62 0.60 -1.35
C VAL C 158 8.59 1.65 -0.80
N LYS C 159 8.78 2.73 -1.55
CA LYS C 159 9.74 3.78 -1.17
C LYS C 159 9.29 4.94 -0.35
N ARG C 160 7.98 5.13 -0.31
CA ARG C 160 7.42 6.28 0.36
C ARG C 160 6.47 5.96 1.49
N ILE C 161 6.63 6.68 2.60
CA ILE C 161 5.78 6.51 3.75
C ILE C 161 4.47 7.25 3.55
N THR C 162 3.38 6.50 3.69
CA THR C 162 2.04 7.04 3.54
C THR C 162 1.36 6.93 4.91
N PRO C 163 0.16 7.50 5.03
CA PRO C 163 -0.56 7.44 6.29
C PRO C 163 -0.85 5.99 6.68
N ARG C 164 -0.95 5.10 5.69
CA ARG C 164 -1.20 3.71 6.00
C ARG C 164 0.00 3.16 6.78
N HIS C 165 1.21 3.56 6.39
CA HIS C 165 2.39 3.09 7.09
C HIS C 165 2.44 3.67 8.50
N LEU C 166 1.98 4.92 8.65
CA LEU C 166 1.93 5.50 10.00
C LEU C 166 0.94 4.68 10.83
N GLN C 167 -0.18 4.31 10.22
CA GLN C 167 -1.20 3.55 10.90
C GLN C 167 -0.69 2.20 11.36
N LEU C 168 0.06 1.53 10.48
CA LEU C 168 0.59 0.23 10.83
C LEU C 168 1.63 0.35 11.92
N ALA C 169 2.40 1.43 11.86
CA ALA C 169 3.43 1.63 12.85
C ALA C 169 2.86 1.84 14.22
N ILE C 170 1.91 2.75 14.33
CA ILE C 170 1.30 3.08 15.60
C ILE C 170 0.36 2.02 16.17
N ARG C 171 -0.57 1.56 15.36
CA ARG C 171 -1.51 0.58 15.84
C ARG C 171 -0.91 -0.79 16.05
N GLY C 172 0.25 -1.06 15.44
CA GLY C 172 0.90 -2.33 15.64
C GLY C 172 1.80 -2.37 16.87
N ASP C 173 1.94 -1.24 17.56
CA ASP C 173 2.78 -1.15 18.75
C ASP C 173 1.88 -0.84 19.93
N ASP C 174 1.86 -1.72 20.93
CA ASP C 174 0.99 -1.51 22.08
C ASP C 174 1.19 -0.20 22.79
N GLU C 175 2.44 0.18 22.96
CA GLU C 175 2.73 1.44 23.65
C GLU C 175 2.38 2.68 22.84
N LEU C 176 2.75 2.71 21.57
CA LEU C 176 2.42 3.87 20.76
C LEU C 176 0.90 3.95 20.56
N ASP C 177 0.26 2.80 20.35
CA ASP C 177 -1.18 2.80 20.16
C ASP C 177 -1.88 3.38 21.39
N SER C 178 -1.42 2.97 22.56
CA SER C 178 -1.99 3.47 23.81
C SER C 178 -1.78 4.98 23.92
N LEU C 179 -0.56 5.40 23.63
CA LEU C 179 -0.24 6.81 23.72
C LEU C 179 -1.12 7.64 22.83
N ILE C 180 -1.25 7.24 21.58
CA ILE C 180 -2.06 8.01 20.66
C ILE C 180 -3.57 7.95 20.95
N ARG C 181 -4.09 6.81 21.36
CA ARG C 181 -5.51 6.78 21.72
C ARG C 181 -5.75 7.67 22.92
N ALA C 182 -4.87 7.64 23.92
CA ALA C 182 -5.08 8.50 25.08
C ALA C 182 -4.92 9.97 24.74
N THR C 183 -4.04 10.27 23.78
CA THR C 183 -3.81 11.65 23.39
C THR C 183 -5.00 12.20 22.62
N ILE C 184 -5.61 11.38 21.79
CA ILE C 184 -6.79 11.82 21.06
C ILE C 184 -7.91 12.09 22.06
N ALA C 185 -8.08 11.20 23.02
CA ALA C 185 -9.14 11.40 24.00
C ALA C 185 -8.91 12.63 24.86
N SER C 186 -7.67 12.93 25.19
CA SER C 186 -7.35 14.07 26.04
C SER C 186 -7.68 15.38 25.37
N GLY C 187 -7.79 15.33 24.04
CA GLY C 187 -8.05 16.53 23.27
C GLY C 187 -9.49 16.88 23.24
N GLY C 188 -10.31 16.05 23.88
CA GLY C 188 -11.74 16.30 23.92
C GLY C 188 -12.42 15.68 25.13
N SER D 14 -5.17 20.09 6.92
CA SER D 14 -4.57 19.59 8.20
C SER D 14 -5.19 18.28 8.60
N VAL D 15 -4.38 17.25 8.66
CA VAL D 15 -4.93 15.95 9.00
C VAL D 15 -4.45 15.58 10.36
N GLY D 16 -5.39 15.14 11.19
CA GLY D 16 -5.04 14.83 12.56
C GLY D 16 -4.83 13.38 12.84
N LEU D 17 -4.44 13.12 14.07
CA LEU D 17 -4.21 11.76 14.52
C LEU D 17 -5.44 10.89 14.39
N SER D 18 -6.62 11.47 14.51
CA SER D 18 -7.81 10.66 14.46
C SER D 18 -7.98 9.95 13.10
N ALA D 19 -7.29 10.45 12.09
CA ALA D 19 -7.37 9.84 10.78
C ALA D 19 -6.81 8.43 10.78
N LEU D 20 -5.98 8.11 11.77
CA LEU D 20 -5.40 6.78 11.84
C LEU D 20 -6.38 5.77 12.45
N PHE D 21 -7.52 6.25 12.93
CA PHE D 21 -8.50 5.37 13.52
C PHE D 21 -9.81 5.61 12.81
N ASP D 30 -9.11 3.53 4.14
CA ASP D 30 -8.45 3.67 2.85
C ASP D 30 -7.27 4.61 2.88
N LEU D 31 -6.48 4.52 3.94
CA LEU D 31 -5.32 5.36 4.10
C LEU D 31 -4.27 5.10 3.06
N ASP D 32 -4.27 3.91 2.49
CA ASP D 32 -3.30 3.60 1.47
C ASP D 32 -3.57 4.31 0.16
N LEU D 33 -4.75 4.90 -0.01
CA LEU D 33 -5.02 5.56 -1.28
C LEU D 33 -4.48 6.98 -1.26
N ASP D 34 -3.20 7.10 -0.96
CA ASP D 34 -2.56 8.38 -0.83
C ASP D 34 -1.93 8.86 -2.08
N ASP D 35 -2.56 9.84 -2.69
CA ASP D 35 -1.96 10.31 -3.90
C ASP D 35 -1.43 11.71 -3.73
N SER D 36 -1.15 12.10 -2.49
CA SER D 36 -0.59 13.42 -2.27
C SER D 36 0.83 13.40 -2.80
N GLU D 37 1.35 14.59 -3.04
CA GLU D 37 2.69 14.72 -3.55
C GLU D 37 3.72 14.46 -2.46
N ASP D 38 4.93 14.17 -2.91
CA ASP D 38 6.04 13.94 -2.00
C ASP D 38 6.31 15.20 -1.23
N PHE D 39 6.70 15.05 0.02
CA PHE D 39 7.07 16.18 0.83
C PHE D 39 8.55 16.34 0.59
N THR D 40 8.97 17.54 0.24
CA THR D 40 10.38 17.79 0.02
C THR D 40 10.75 19.16 0.53
N VAL D 41 12.05 19.30 0.79
CA VAL D 41 12.57 20.57 1.24
C VAL D 41 13.64 21.08 0.28
N ASN D 42 13.95 22.35 0.37
CA ASN D 42 14.99 22.93 -0.44
C ASN D 42 16.28 22.36 0.07
N SER D 43 17.06 21.78 -0.80
CA SER D 43 18.34 21.28 -0.34
C SER D 43 19.31 22.46 -0.24
N SER D 44 18.90 23.59 -0.84
CA SER D 44 19.76 24.76 -0.94
C SER D 44 19.39 25.96 -0.10
#